data_3I4Y
#
_entry.id   3I4Y
#
_cell.length_a   90.818
_cell.length_b   37.619
_cell.length_c   74.817
_cell.angle_alpha   90.00
_cell.angle_beta   94.81
_cell.angle_gamma   90.00
#
_symmetry.space_group_name_H-M   'C 1 2 1'
#
loop_
_entity.id
_entity.type
_entity.pdbx_description
1 polymer 'Catechol 1,2-dioxygenase'
2 non-polymer 'FE (III) ION'
3 non-polymer 3,5-dichlorobenzene-1,2-diol
4 non-polymer '(4S,7R)-4-HYDROXY-N,N,N-TRIMETHYL-9-OXO-7-[(PALMITOYLOXY)METHYL]-3,5,8-TRIOXA-4-PHOSPHAHEXACOSAN-1-AMINIUM 4-OXIDE'
5 water water
#
_entity_poly.entity_id   1
_entity_poly.type   'polypeptide(L)'
_entity_poly.pdbx_seq_one_letter_code
;GSGSAATDKFKAERATADTSPERLAAIAKDALGALNDVILKHGVTYPEYRVFKQWLIDVGEGGEWPLFLDVFIEHSVEEV
LARSRKGTMGSIEGPYYIENSPELPSKCTLPMREEDEKITPLVFSGQVTDLDGNGLAGAKVELWHADNDGYYSQFAPHLP
EWNLRGTIIADEEGRYEITTIQPAPYQIPTDGPTGQFIEAQNGHPWRPAHLHLIVSAPGKESVTTQLYFKGGEWIDSDVA
SATKPELILDPKTGDDGKNYVTYNFVLDPA
;
_entity_poly.pdbx_strand_id   A
#
loop_
_chem_comp.id
_chem_comp.type
_chem_comp.name
_chem_comp.formula
35C non-polymer 3,5-dichlorobenzene-1,2-diol 'C6 H4 Cl2 O2'
6PL non-polymer '(4S,7R)-4-HYDROXY-N,N,N-TRIMETHYL-9-OXO-7-[(PALMITOYLOXY)METHYL]-3,5,8-TRIOXA-4-PHOSPHAHEXACOSAN-1-AMINIUM 4-OXIDE' 'C42 H85 N O8 P 1'
FE non-polymer 'FE (III) ION' 'Fe 3'
#
# COMPACT_ATOMS: atom_id res chain seq x y z
N ALA A 15 -4.28 -6.00 19.13
CA ALA A 15 -4.54 -7.04 18.09
C ALA A 15 -4.66 -8.40 18.74
N THR A 16 -5.67 -9.17 18.31
CA THR A 16 -5.84 -10.56 18.76
C THR A 16 -6.21 -11.45 17.58
N ALA A 17 -5.97 -12.75 17.73
CA ALA A 17 -6.35 -13.70 16.71
C ALA A 17 -6.86 -14.97 17.43
N ASP A 18 -7.66 -15.75 16.72
CA ASP A 18 -8.21 -17.05 17.15
C ASP A 18 -7.27 -18.27 17.14
N THR A 19 -6.12 -18.14 16.50
CA THR A 19 -5.16 -19.23 16.40
C THR A 19 -5.12 -20.19 17.61
N SER A 20 -5.19 -21.49 17.33
CA SER A 20 -5.09 -22.53 18.38
C SER A 20 -3.62 -22.75 18.80
N PRO A 21 -3.39 -23.29 20.01
CA PRO A 21 -2.00 -23.65 20.34
C PRO A 21 -1.33 -24.55 19.29
N GLU A 22 -2.08 -25.47 18.66
CA GLU A 22 -1.53 -26.42 17.68
C GLU A 22 -1.17 -25.79 16.33
N ARG A 23 -2.00 -24.86 15.89
CA ARG A 23 -1.69 -24.12 14.65
C ARG A 23 -0.43 -23.25 14.89
N LEU A 24 -0.40 -22.51 16.00
CA LEU A 24 0.80 -21.73 16.35
C LEU A 24 2.06 -22.59 16.50
N ALA A 25 1.96 -23.71 17.23
CA ALA A 25 3.08 -24.66 17.29
C ALA A 25 3.60 -25.06 15.92
N ALA A 26 2.66 -25.35 15.02
CA ALA A 26 3.05 -25.81 13.69
C ALA A 26 3.69 -24.67 12.90
N ILE A 27 3.12 -23.46 12.99
CA ILE A 27 3.70 -22.31 12.25
C ILE A 27 5.11 -22.02 12.78
N ALA A 28 5.23 -21.93 14.11
CA ALA A 28 6.49 -21.74 14.79
C ALA A 28 7.57 -22.78 14.43
N LYS A 29 7.26 -24.07 14.56
CA LYS A 29 8.22 -25.12 14.18
C LYS A 29 8.75 -24.94 12.75
N ASP A 30 7.84 -24.67 11.80
CA ASP A 30 8.23 -24.39 10.42
C ASP A 30 9.07 -23.16 10.23
N ALA A 31 8.62 -22.04 10.75
CA ALA A 31 9.35 -20.80 10.64
C ALA A 31 10.74 -20.90 11.23
N LEU A 32 10.81 -21.35 12.48
CA LEU A 32 12.11 -21.48 13.18
C LEU A 32 13.01 -22.49 12.52
N GLY A 33 12.41 -23.61 12.09
CA GLY A 33 13.14 -24.68 11.43
C GLY A 33 13.76 -24.11 10.18
N ALA A 34 12.92 -23.42 9.42
CA ALA A 34 13.32 -22.64 8.21
C ALA A 34 14.54 -21.74 8.45
N LEU A 35 14.49 -20.90 9.49
CA LEU A 35 15.56 -19.97 9.72
C LEU A 35 16.82 -20.72 10.15
N ASN A 36 16.65 -21.75 10.98
CA ASN A 36 17.78 -22.57 11.38
C ASN A 36 18.42 -23.29 10.18
N ASP A 37 17.56 -23.75 9.25
CA ASP A 37 18.01 -24.38 8.01
C ASP A 37 18.81 -23.44 7.18
N VAL A 38 18.42 -22.16 7.12
CA VAL A 38 19.17 -21.14 6.39
C VAL A 38 20.57 -20.91 7.00
N ILE A 39 20.64 -20.83 8.33
CA ILE A 39 21.94 -20.71 9.03
C ILE A 39 22.88 -21.88 8.69
N LEU A 40 22.33 -23.07 8.68
CA LEU A 40 23.12 -24.26 8.38
C LEU A 40 23.53 -24.26 6.92
N LYS A 41 22.60 -23.90 6.05
CA LYS A 41 22.90 -23.84 4.61
C LYS A 41 24.07 -22.92 4.35
N HIS A 42 23.97 -21.67 4.83
CA HIS A 42 24.95 -20.67 4.51
C HIS A 42 26.17 -20.65 5.43
N GLY A 43 26.16 -21.46 6.48
CA GLY A 43 27.27 -21.43 7.46
C GLY A 43 27.41 -20.06 8.11
N VAL A 44 26.28 -19.53 8.55
CA VAL A 44 26.26 -18.25 9.26
C VAL A 44 27.18 -18.34 10.48
N THR A 45 28.07 -17.37 10.61
CA THR A 45 29.13 -17.29 11.60
C THR A 45 28.68 -16.56 12.90
N TYR A 46 29.45 -16.69 13.96
CA TYR A 46 29.17 -15.97 15.18
C TYR A 46 29.27 -14.46 14.98
N PRO A 47 30.31 -13.95 14.29
CA PRO A 47 30.16 -12.52 14.00
C PRO A 47 28.90 -12.05 13.26
N GLU A 48 28.41 -12.83 12.31
CA GLU A 48 27.22 -12.52 11.57
C GLU A 48 25.98 -12.61 12.48
N TYR A 49 26.00 -13.60 13.36
CA TYR A 49 24.91 -13.73 14.33
C TYR A 49 24.84 -12.48 15.25
N ARG A 50 25.98 -12.00 15.69
CA ARG A 50 26.01 -10.81 16.53
C ARG A 50 25.50 -9.57 15.82
N VAL A 51 25.90 -9.35 14.55
CA VAL A 51 25.32 -8.31 13.75
C VAL A 51 23.81 -8.51 13.55
N PHE A 52 23.35 -9.73 13.27
CA PHE A 52 21.90 -10.04 13.13
C PHE A 52 21.11 -9.65 14.43
N LYS A 53 21.72 -9.92 15.57
CA LYS A 53 21.09 -9.62 16.84
C LYS A 53 20.99 -8.10 17.10
N GLN A 54 22.10 -7.39 16.83
CA GLN A 54 22.05 -5.96 17.05
CA GLN A 54 22.17 -5.94 16.93
C GLN A 54 21.10 -5.29 16.07
N TRP A 55 21.00 -5.81 14.85
CA TRP A 55 20.06 -5.27 13.83
C TRP A 55 18.61 -5.44 14.23
N LEU A 56 18.26 -6.61 14.73
CA LEU A 56 16.87 -6.83 15.24
C LEU A 56 16.57 -5.80 16.33
N ILE A 57 17.53 -5.63 17.23
CA ILE A 57 17.38 -4.59 18.29
C ILE A 57 17.21 -3.17 17.70
N ASP A 58 18.09 -2.80 16.75
CA ASP A 58 17.94 -1.50 16.05
C ASP A 58 16.60 -1.33 15.32
N VAL A 59 16.07 -2.38 14.67
CA VAL A 59 14.73 -2.34 13.99
C VAL A 59 13.65 -1.86 14.97
N GLY A 60 13.57 -2.50 16.14
CA GLY A 60 12.70 -2.04 17.20
C GLY A 60 12.95 -0.65 17.74
N GLU A 61 14.22 -0.32 18.04
CA GLU A 61 14.53 0.99 18.56
C GLU A 61 14.22 2.08 17.60
N GLY A 62 14.34 1.82 16.30
CA GLY A 62 14.05 2.83 15.28
C GLY A 62 12.61 2.82 14.82
N GLY A 63 11.77 2.05 15.50
CA GLY A 63 10.33 1.96 15.21
C GLY A 63 10.02 1.48 13.80
N GLU A 64 10.83 0.55 13.31
CA GLU A 64 10.62 0.12 11.95
C GLU A 64 10.02 -1.24 11.77
N TRP A 65 9.46 -1.82 12.82
CA TRP A 65 8.79 -3.11 12.59
C TRP A 65 7.65 -3.02 11.55
N PRO A 66 6.77 -1.99 11.64
CA PRO A 66 5.71 -1.87 10.58
C PRO A 66 6.27 -1.75 9.14
N LEU A 67 7.26 -0.87 8.98
CA LEU A 67 7.96 -0.76 7.72
C LEU A 67 8.58 -2.06 7.21
N PHE A 68 9.43 -2.70 8.02
CA PHE A 68 10.12 -3.89 7.57
C PHE A 68 9.14 -5.01 7.23
N LEU A 69 8.17 -5.27 8.11
CA LEU A 69 7.22 -6.36 7.81
C LEU A 69 6.35 -6.05 6.60
N ASP A 70 5.89 -4.82 6.48
CA ASP A 70 4.98 -4.51 5.38
C ASP A 70 5.73 -4.56 4.08
N VAL A 71 7.01 -4.15 4.09
CA VAL A 71 7.87 -4.33 2.88
C VAL A 71 8.18 -5.81 2.57
N PHE A 72 8.59 -6.56 3.60
CA PHE A 72 9.19 -7.88 3.31
C PHE A 72 8.33 -9.11 3.51
N ILE A 73 7.20 -8.91 4.17
CA ILE A 73 6.31 -9.99 4.56
C ILE A 73 4.86 -9.86 4.07
N GLU A 74 4.33 -8.64 4.16
CA GLU A 74 2.86 -8.48 3.97
C GLU A 74 2.40 -9.01 2.64
N HIS A 75 3.24 -8.96 1.64
CA HIS A 75 2.79 -9.45 0.33
C HIS A 75 2.27 -10.91 0.37
N SER A 76 2.84 -11.72 1.26
CA SER A 76 2.50 -13.14 1.32
C SER A 76 1.21 -13.28 2.03
N VAL A 77 0.97 -12.45 3.04
CA VAL A 77 -0.32 -12.39 3.75
C VAL A 77 -1.46 -11.96 2.78
N GLU A 78 -1.26 -10.92 1.93
CA GLU A 78 -2.28 -10.54 0.92
C GLU A 78 -2.49 -11.67 -0.09
N GLU A 79 -1.42 -12.38 -0.43
CA GLU A 79 -1.48 -13.47 -1.41
C GLU A 79 -2.38 -14.57 -0.85
N VAL A 80 -2.20 -14.94 0.40
CA VAL A 80 -3.17 -15.81 1.09
C VAL A 80 -4.59 -15.24 0.98
N LEU A 81 -4.80 -13.99 1.42
CA LEU A 81 -6.13 -13.42 1.37
C LEU A 81 -6.72 -13.43 -0.07
N ALA A 82 -5.91 -13.12 -1.06
CA ALA A 82 -6.31 -13.12 -2.48
C ALA A 82 -7.09 -14.38 -2.95
N ARG A 83 -6.76 -15.55 -2.42
CA ARG A 83 -7.37 -16.85 -2.80
C ARG A 83 -8.88 -16.89 -2.59
N SER A 84 -9.34 -16.24 -1.52
CA SER A 84 -10.74 -16.24 -1.15
C SER A 84 -11.56 -15.10 -1.77
N ARG A 85 -10.98 -14.39 -2.75
CA ARG A 85 -11.61 -13.18 -3.33
C ARG A 85 -11.76 -13.28 -4.87
N LYS A 86 -12.92 -12.87 -5.38
CA LYS A 86 -13.14 -12.91 -6.82
C LYS A 86 -13.21 -11.51 -7.41
N GLY A 87 -13.29 -10.50 -6.52
CA GLY A 87 -13.34 -9.08 -6.91
C GLY A 87 -11.99 -8.50 -7.33
N THR A 88 -11.84 -7.18 -7.30
CA THR A 88 -10.61 -6.59 -7.85
C THR A 88 -9.40 -7.01 -7.04
N MET A 89 -8.24 -7.11 -7.69
CA MET A 89 -7.04 -7.57 -7.03
C MET A 89 -6.72 -6.63 -5.87
N GLY A 90 -6.37 -7.23 -4.76
CA GLY A 90 -5.91 -6.47 -3.58
C GLY A 90 -4.38 -6.29 -3.65
N SER A 91 -3.86 -5.54 -2.68
CA SER A 91 -2.41 -5.43 -2.51
C SER A 91 -2.26 -5.08 -1.02
N ILE A 92 -1.04 -4.90 -0.59
CA ILE A 92 -0.74 -4.67 0.80
C ILE A 92 -1.20 -3.27 1.24
N GLU A 93 -1.51 -3.12 2.53
CA GLU A 93 -1.92 -1.86 3.09
C GLU A 93 -0.69 -0.95 3.20
N GLY A 94 0.45 -1.53 3.57
CA GLY A 94 1.64 -0.78 3.89
C GLY A 94 1.43 -0.02 5.23
N PRO A 95 2.45 0.74 5.69
CA PRO A 95 2.43 1.29 7.06
C PRO A 95 1.69 2.63 7.29
N TYR A 96 1.26 3.30 6.21
CA TYR A 96 0.82 4.71 6.31
C TYR A 96 -0.68 4.99 6.22
N TYR A 97 -1.48 3.92 6.38
CA TYR A 97 -2.93 4.09 6.43
C TYR A 97 -3.35 4.79 7.71
N ILE A 98 -4.27 5.75 7.58
CA ILE A 98 -4.99 6.37 8.72
C ILE A 98 -6.53 6.31 8.55
N GLU A 99 -7.20 5.77 9.57
CA GLU A 99 -8.65 5.61 9.55
C GLU A 99 -9.36 6.95 9.69
N ASN A 100 -10.61 7.00 9.23
CA ASN A 100 -11.50 8.18 9.42
C ASN A 100 -11.01 9.48 8.73
N SER A 101 -10.38 9.36 7.56
CA SER A 101 -10.06 10.53 6.76
C SER A 101 -11.36 11.26 6.41
N PRO A 102 -11.32 12.61 6.34
CA PRO A 102 -12.56 13.35 6.17
C PRO A 102 -13.29 12.98 4.89
N GLU A 103 -14.61 12.98 4.98
CA GLU A 103 -15.48 12.61 3.86
C GLU A 103 -15.58 13.73 2.80
N LEU A 104 -15.56 13.31 1.54
CA LEU A 104 -15.67 14.22 0.41
C LEU A 104 -16.77 13.67 -0.46
N PRO A 105 -17.32 14.51 -1.35
CA PRO A 105 -18.35 14.15 -2.32
C PRO A 105 -17.90 13.28 -3.49
N SER A 106 -18.85 12.65 -4.18
CA SER A 106 -18.53 11.71 -5.25
C SER A 106 -17.62 12.34 -6.30
N LYS A 107 -17.83 13.62 -6.57
CA LYS A 107 -16.97 14.39 -7.45
C LYS A 107 -16.26 15.41 -6.57
N CYS A 108 -14.96 15.19 -6.36
CA CYS A 108 -14.18 15.93 -5.36
C CYS A 108 -12.73 16.04 -5.79
N THR A 109 -12.01 16.96 -5.15
CA THR A 109 -10.55 16.96 -5.14
C THR A 109 -10.02 16.76 -3.73
N LEU A 110 -9.08 15.82 -3.61
CA LEU A 110 -8.44 15.55 -2.32
C LEU A 110 -7.92 16.84 -1.72
N PRO A 111 -7.86 16.89 -0.39
CA PRO A 111 -7.15 17.98 0.26
C PRO A 111 -5.71 18.02 -0.22
N MET A 112 -5.21 19.22 -0.45
CA MET A 112 -3.83 19.43 -0.89
C MET A 112 -3.43 20.89 -0.64
N ARG A 113 -2.12 21.12 -0.47
CA ARG A 113 -1.54 22.47 -0.39
C ARG A 113 -1.43 23.10 -1.78
N GLU A 114 -1.42 24.44 -1.81
CA GLU A 114 -0.97 25.22 -2.98
C GLU A 114 0.19 24.60 -3.79
N GLU A 115 1.26 24.22 -3.09
CA GLU A 115 2.42 23.52 -3.70
C GLU A 115 2.05 22.21 -4.43
N ASP A 116 1.16 21.42 -3.82
CA ASP A 116 0.61 20.24 -4.51
C ASP A 116 -0.09 20.62 -5.80
N GLU A 117 -0.78 21.76 -5.75
CA GLU A 117 -1.56 22.29 -6.87
C GLU A 117 -0.74 22.66 -8.12
N LYS A 118 0.58 22.71 -8.04
CA LYS A 118 1.35 22.94 -9.25
C LYS A 118 1.78 21.68 -9.98
N ILE A 119 1.28 20.53 -9.52
CA ILE A 119 1.70 19.24 -10.09
C ILE A 119 0.59 18.84 -11.05
N THR A 120 0.92 18.24 -12.20
CA THR A 120 -0.17 17.97 -13.16
C THR A 120 -1.28 17.17 -12.48
N PRO A 121 -2.54 17.64 -12.58
CA PRO A 121 -3.64 16.93 -11.94
C PRO A 121 -3.85 15.50 -12.43
N LEU A 122 -4.35 14.66 -11.52
CA LEU A 122 -4.75 13.34 -11.86
C LEU A 122 -6.24 13.23 -11.55
N VAL A 123 -7.00 12.92 -12.59
CA VAL A 123 -8.45 12.75 -12.41
C VAL A 123 -8.82 11.29 -12.52
N PHE A 124 -9.29 10.76 -11.39
CA PHE A 124 -9.50 9.33 -11.20
C PHE A 124 -10.98 9.06 -11.08
N SER A 125 -11.52 8.43 -12.12
CA SER A 125 -12.95 8.13 -12.21
C SER A 125 -13.19 6.66 -12.20
N GLY A 126 -14.36 6.28 -11.75
CA GLY A 126 -14.80 4.92 -11.91
C GLY A 126 -16.06 4.63 -11.12
N GLN A 127 -16.34 3.35 -10.98
CA GLN A 127 -17.54 2.84 -10.34
C GLN A 127 -17.23 1.69 -9.43
N VAL A 128 -17.80 1.76 -8.22
CA VAL A 128 -17.81 0.61 -7.32
C VAL A 128 -19.04 -0.24 -7.67
N THR A 129 -18.83 -1.50 -7.98
CA THR A 129 -19.87 -2.41 -8.38
C THR A 129 -19.74 -3.72 -7.62
N ASP A 130 -20.77 -4.56 -7.69
CA ASP A 130 -20.68 -5.91 -7.13
C ASP A 130 -20.14 -6.86 -8.18
N LEU A 131 -20.11 -8.18 -7.92
CA LEU A 131 -19.49 -9.17 -8.83
C LEU A 131 -20.19 -9.49 -10.16
N ASP A 132 -21.50 -9.25 -10.20
CA ASP A 132 -22.30 -9.52 -11.38
C ASP A 132 -22.37 -8.23 -12.18
N GLY A 133 -21.92 -7.14 -11.54
CA GLY A 133 -21.66 -5.87 -12.22
C GLY A 133 -22.63 -4.79 -11.84
N ASN A 134 -23.51 -5.10 -10.90
CA ASN A 134 -24.40 -4.09 -10.34
C ASN A 134 -23.62 -3.04 -9.54
N GLY A 135 -23.90 -1.76 -9.78
CA GLY A 135 -23.34 -0.64 -8.99
C GLY A 135 -23.77 -0.64 -7.52
N LEU A 136 -23.10 0.16 -6.68
CA LEU A 136 -23.39 0.15 -5.21
C LEU A 136 -23.58 1.51 -4.55
N ALA A 137 -24.78 1.76 -4.02
CA ALA A 137 -25.01 2.97 -3.21
C ALA A 137 -24.24 2.95 -1.89
N GLY A 138 -23.81 4.14 -1.45
CA GLY A 138 -23.09 4.31 -0.17
C GLY A 138 -21.75 3.56 -0.11
N ALA A 139 -21.10 3.41 -1.27
CA ALA A 139 -19.74 2.86 -1.27
C ALA A 139 -18.80 4.00 -0.95
N LYS A 140 -17.72 3.65 -0.26
CA LYS A 140 -16.72 4.61 0.19
C LYS A 140 -15.40 4.19 -0.44
N VAL A 141 -14.68 5.16 -0.98
CA VAL A 141 -13.32 4.92 -1.45
C VAL A 141 -12.42 5.74 -0.53
N GLU A 142 -11.71 5.04 0.34
CA GLU A 142 -10.65 5.67 1.12
C GLU A 142 -9.37 5.72 0.26
N LEU A 143 -8.87 6.93 -0.01
CA LEU A 143 -7.65 7.07 -0.81
C LEU A 143 -6.61 7.76 0.03
N TRP A 144 -5.40 7.22 0.01
CA TRP A 144 -4.23 7.88 0.58
C TRP A 144 -3.01 7.66 -0.32
N HIS A 145 -2.19 8.70 -0.42
CA HIS A 145 -0.91 8.58 -1.14
C HIS A 145 0.05 9.66 -0.78
N ALA A 146 1.28 9.49 -1.23
CA ALA A 146 2.35 10.46 -1.00
C ALA A 146 2.26 11.64 -1.98
N ASP A 147 2.80 12.79 -1.58
CA ASP A 147 2.91 13.98 -2.44
C ASP A 147 4.09 13.89 -3.46
N ASN A 148 4.39 14.96 -4.21
CA ASN A 148 5.44 14.92 -5.23
C ASN A 148 6.85 14.79 -4.66
N ASP A 149 6.97 15.13 -3.38
CA ASP A 149 8.19 15.02 -2.60
C ASP A 149 8.33 13.60 -2.02
N GLY A 150 7.25 12.79 -2.10
CA GLY A 150 7.29 11.43 -1.55
C GLY A 150 6.97 11.33 -0.06
N TYR A 151 6.26 12.34 0.47
CA TYR A 151 5.83 12.33 1.87
C TYR A 151 4.36 12.10 2.06
N TYR A 152 4.05 11.40 3.14
CA TYR A 152 2.68 11.22 3.61
C TYR A 152 2.32 12.14 4.76
N SER A 153 1.11 12.66 4.72
CA SER A 153 0.58 13.39 5.86
C SER A 153 0.45 12.50 7.12
N GLN A 154 0.75 13.08 8.29
CA GLN A 154 0.86 12.33 9.57
C GLN A 154 2.15 11.51 9.75
N PHE A 155 3.04 11.64 8.77
CA PHE A 155 4.36 11.00 8.78
C PHE A 155 5.35 12.00 8.21
N ALA A 156 4.97 13.27 8.35
CA ALA A 156 5.75 14.40 7.86
C ALA A 156 5.15 15.64 8.49
N PRO A 157 5.84 16.21 9.51
CA PRO A 157 5.31 17.33 10.33
C PRO A 157 4.90 18.60 9.54
N HIS A 158 5.57 18.90 8.42
CA HIS A 158 5.18 20.05 7.59
C HIS A 158 3.79 19.97 6.94
N LEU A 159 3.26 18.75 6.79
CA LEU A 159 2.01 18.57 6.05
C LEU A 159 0.75 18.73 6.90
N PRO A 160 -0.30 19.38 6.32
CA PRO A 160 -1.64 19.33 6.92
C PRO A 160 -2.04 17.88 7.08
N GLU A 161 -2.70 17.59 8.20
CA GLU A 161 -2.80 16.20 8.63
C GLU A 161 -3.60 15.31 7.68
N TRP A 162 -4.44 15.88 6.83
CA TRP A 162 -5.14 15.05 5.87
C TRP A 162 -4.71 15.26 4.40
N ASN A 163 -3.52 15.83 4.18
CA ASN A 163 -3.01 16.07 2.82
C ASN A 163 -3.07 14.80 1.97
N LEU A 164 -3.74 14.88 0.82
CA LEU A 164 -3.85 13.71 -0.10
C LEU A 164 -4.41 12.50 0.64
N ARG A 165 -5.29 12.78 1.60
CA ARG A 165 -6.09 11.73 2.27
C ARG A 165 -7.60 12.06 2.25
N GLY A 166 -8.43 11.08 1.99
CA GLY A 166 -9.88 11.30 2.00
C GLY A 166 -10.75 10.06 1.99
N THR A 167 -11.98 10.19 2.46
CA THR A 167 -12.92 9.13 2.15
C THR A 167 -14.05 9.64 1.27
N ILE A 168 -14.08 9.11 0.05
CA ILE A 168 -14.94 9.63 -0.99
C ILE A 168 -16.24 8.83 -0.89
N ILE A 169 -17.35 9.56 -0.83
CA ILE A 169 -18.68 8.96 -0.83
C ILE A 169 -19.20 8.78 -2.28
N ALA A 170 -19.15 7.57 -2.80
CA ALA A 170 -19.66 7.26 -4.16
C ALA A 170 -21.20 7.33 -4.22
N ASP A 171 -21.70 7.98 -5.27
CA ASP A 171 -23.15 8.26 -5.36
C ASP A 171 -24.00 6.99 -5.57
N GLU A 172 -25.31 7.20 -5.74
CA GLU A 172 -26.27 6.11 -5.81
C GLU A 172 -25.86 4.99 -6.73
N GLU A 173 -25.13 5.35 -7.80
CA GLU A 173 -24.74 4.37 -8.81
C GLU A 173 -23.37 3.71 -8.57
N GLY A 174 -22.64 4.19 -7.55
CA GLY A 174 -21.37 3.58 -7.14
C GLY A 174 -20.15 4.23 -7.76
N ARG A 175 -20.34 5.47 -8.20
CA ARG A 175 -19.30 6.18 -8.94
C ARG A 175 -18.73 7.46 -8.30
N TYR A 176 -17.48 7.74 -8.70
CA TYR A 176 -16.65 8.79 -8.12
C TYR A 176 -15.85 9.47 -9.23
N GLU A 177 -15.43 10.69 -8.94
CA GLU A 177 -14.49 11.38 -9.79
C GLU A 177 -13.63 12.17 -8.85
N ILE A 178 -12.43 11.64 -8.63
CA ILE A 178 -11.50 12.15 -7.64
C ILE A 178 -10.32 12.84 -8.33
N THR A 179 -10.18 14.13 -8.12
CA THR A 179 -8.97 14.78 -8.67
C THR A 179 -7.91 14.93 -7.61
N THR A 180 -6.70 14.54 -8.02
CA THR A 180 -5.59 14.56 -7.11
C THR A 180 -4.33 14.90 -7.91
N ILE A 181 -3.19 14.41 -7.45
CA ILE A 181 -1.95 14.44 -8.22
C ILE A 181 -1.37 13.03 -8.37
N GLN A 182 -0.49 12.82 -9.33
CA GLN A 182 0.22 11.54 -9.33
C GLN A 182 1.29 11.60 -8.26
N PRO A 183 1.33 10.61 -7.34
CA PRO A 183 2.41 10.58 -6.33
C PRO A 183 3.77 10.39 -6.97
N ALA A 184 4.82 10.74 -6.24
CA ALA A 184 6.20 10.37 -6.62
C ALA A 184 6.47 8.95 -6.12
N PRO A 185 7.48 8.24 -6.70
CA PRO A 185 7.89 6.99 -6.06
C PRO A 185 8.35 7.21 -4.60
N TYR A 186 8.23 6.17 -3.78
CA TYR A 186 8.66 6.26 -2.36
C TYR A 186 10.01 5.60 -2.13
N GLN A 187 10.89 6.26 -1.37
CA GLN A 187 12.16 5.67 -0.96
C GLN A 187 12.20 5.36 0.55
N ILE A 188 12.50 4.11 0.89
CA ILE A 188 12.80 3.73 2.29
C ILE A 188 14.07 4.44 2.78
N PRO A 189 13.95 5.29 3.81
CA PRO A 189 15.10 6.05 4.32
C PRO A 189 16.33 5.15 4.47
N THR A 190 17.45 5.60 3.89
CA THR A 190 18.63 4.75 3.76
C THR A 190 19.36 4.52 5.09
N ASP A 191 19.18 5.43 6.03
CA ASP A 191 19.99 5.36 7.25
C ASP A 191 19.35 4.46 8.31
N GLY A 192 18.07 4.19 8.18
CA GLY A 192 17.41 3.31 9.15
C GLY A 192 17.85 1.88 9.02
N PRO A 193 17.45 1.01 9.98
CA PRO A 193 17.90 -0.39 9.89
C PRO A 193 17.41 -1.07 8.61
N THR A 194 16.19 -0.75 8.20
CA THR A 194 15.64 -1.36 7.00
C THR A 194 16.49 -0.87 5.80
N GLY A 195 16.75 0.42 5.73
CA GLY A 195 17.60 0.97 4.65
C GLY A 195 19.00 0.37 4.63
N GLN A 196 19.59 0.30 5.82
CA GLN A 196 20.87 -0.35 6.10
C GLN A 196 20.85 -1.81 5.62
N PHE A 197 19.77 -2.54 5.91
CA PHE A 197 19.62 -3.92 5.44
C PHE A 197 19.69 -3.99 3.91
N ILE A 198 18.95 -3.09 3.26
CA ILE A 198 18.86 -3.03 1.80
C ILE A 198 20.26 -2.69 1.22
N GLU A 199 20.83 -1.62 1.70
CA GLU A 199 22.16 -1.10 1.27
C GLU A 199 23.29 -2.15 1.40
N ALA A 200 23.26 -2.97 2.46
CA ALA A 200 24.25 -4.01 2.73
C ALA A 200 24.23 -5.15 1.72
N GLN A 201 23.09 -5.37 1.08
CA GLN A 201 23.02 -6.35 0.02
C GLN A 201 23.02 -5.79 -1.40
N ASN A 202 23.33 -4.50 -1.54
CA ASN A 202 23.30 -3.84 -2.83
C ASN A 202 21.90 -3.86 -3.45
N GLY A 203 20.86 -3.53 -2.66
CA GLY A 203 19.49 -3.44 -3.20
C GLY A 203 19.00 -2.04 -3.51
N HIS A 204 17.76 -1.92 -4.03
CA HIS A 204 17.15 -0.62 -4.30
C HIS A 204 16.04 -0.38 -3.30
N PRO A 205 16.10 0.75 -2.60
CA PRO A 205 15.16 1.04 -1.55
C PRO A 205 13.93 1.73 -2.11
N TRP A 206 13.43 1.29 -3.27
CA TRP A 206 12.41 2.10 -3.91
C TRP A 206 11.12 1.37 -4.13
N ARG A 207 10.03 2.11 -3.95
CA ARG A 207 8.71 1.64 -4.40
C ARG A 207 8.26 2.52 -5.59
N PRO A 208 7.65 1.91 -6.61
CA PRO A 208 7.01 2.70 -7.64
C PRO A 208 5.93 3.63 -7.05
N ALA A 209 5.66 4.74 -7.75
CA ALA A 209 4.57 5.68 -7.42
C ALA A 209 3.27 4.86 -7.31
N HIS A 210 2.44 5.14 -6.31
CA HIS A 210 1.20 4.34 -6.08
C HIS A 210 0.20 5.09 -5.28
N LEU A 211 -1.06 4.91 -5.67
CA LEU A 211 -2.22 5.19 -4.85
C LEU A 211 -2.60 4.03 -3.90
N HIS A 212 -2.97 4.34 -2.66
CA HIS A 212 -3.49 3.35 -1.74
C HIS A 212 -4.98 3.59 -1.64
N LEU A 213 -5.76 2.49 -1.71
CA LEU A 213 -7.21 2.56 -1.65
C LEU A 213 -7.75 1.45 -0.79
N ILE A 214 -8.74 1.80 0.02
CA ILE A 214 -9.58 0.83 0.72
C ILE A 214 -11.02 1.15 0.28
N VAL A 215 -11.63 0.22 -0.42
CA VAL A 215 -12.96 0.38 -1.00
C VAL A 215 -13.91 -0.58 -0.30
N SER A 216 -15.03 -0.01 0.15
CA SER A 216 -16.03 -0.67 0.98
C SER A 216 -17.46 -0.31 0.50
N ALA A 217 -18.43 -1.14 0.86
CA ALA A 217 -19.84 -0.87 0.52
C ALA A 217 -20.77 -1.64 1.44
N PRO A 218 -22.01 -1.16 1.64
CA PRO A 218 -22.80 -1.91 2.63
C PRO A 218 -22.98 -3.40 2.25
N GLY A 219 -22.77 -4.29 3.22
CA GLY A 219 -22.91 -5.73 3.01
C GLY A 219 -21.79 -6.42 2.27
N LYS A 220 -20.71 -5.67 2.05
CA LYS A 220 -19.59 -6.09 1.18
C LYS A 220 -18.28 -6.21 1.96
N GLU A 221 -17.45 -7.16 1.55
CA GLU A 221 -16.06 -7.32 2.00
C GLU A 221 -15.15 -6.25 1.39
N SER A 222 -14.62 -5.36 2.26
CA SER A 222 -13.68 -4.29 1.83
C SER A 222 -12.46 -4.82 1.10
N VAL A 223 -11.90 -4.04 0.17
CA VAL A 223 -10.68 -4.44 -0.49
C VAL A 223 -9.63 -3.36 -0.26
N THR A 224 -8.46 -3.81 0.19
CA THR A 224 -7.27 -2.97 0.24
C THR A 224 -6.43 -3.25 -0.99
N THR A 225 -6.11 -2.18 -1.72
CA THR A 225 -5.31 -2.32 -2.88
C THR A 225 -4.38 -1.11 -3.14
N GLN A 226 -3.58 -1.24 -4.18
CA GLN A 226 -2.70 -0.19 -4.64
C GLN A 226 -2.80 -0.08 -6.14
N LEU A 227 -2.61 1.14 -6.68
CA LEU A 227 -2.59 1.30 -8.13
C LEU A 227 -1.33 2.02 -8.55
N TYR A 228 -0.77 1.62 -9.69
CA TYR A 228 0.57 2.02 -10.13
C TYR A 228 0.47 2.67 -11.53
N PHE A 229 1.57 3.14 -12.07
CA PHE A 229 1.56 4.00 -13.26
C PHE A 229 2.46 3.44 -14.33
N LYS A 230 1.82 3.07 -15.41
CA LYS A 230 2.46 2.37 -16.53
C LYS A 230 3.69 3.12 -16.93
N GLY A 231 4.78 2.39 -17.10
CA GLY A 231 6.03 3.05 -17.50
C GLY A 231 6.73 3.80 -16.39
N GLY A 232 6.14 3.84 -15.19
CA GLY A 232 6.76 4.60 -14.10
C GLY A 232 7.99 3.86 -13.56
N GLU A 233 8.89 4.58 -12.91
CA GLU A 233 10.09 3.87 -12.49
C GLU A 233 9.85 3.01 -11.25
N TRP A 234 10.60 1.90 -11.18
CA TRP A 234 10.58 0.87 -10.14
C TRP A 234 9.36 -0.01 -10.27
N ILE A 235 8.61 0.14 -11.37
CA ILE A 235 7.41 -0.65 -11.57
C ILE A 235 7.76 -2.12 -11.67
N ASP A 236 8.95 -2.40 -12.18
CA ASP A 236 9.39 -3.79 -12.40
C ASP A 236 10.31 -4.30 -11.26
N SER A 237 10.52 -3.45 -10.26
CA SER A 237 11.37 -3.85 -9.13
C SER A 237 10.88 -3.18 -7.86
N ASP A 238 9.66 -3.49 -7.47
CA ASP A 238 9.14 -2.93 -6.25
C ASP A 238 9.86 -3.65 -5.07
N VAL A 239 10.43 -2.89 -4.15
CA VAL A 239 11.10 -3.47 -2.98
C VAL A 239 10.08 -4.25 -2.09
N ALA A 240 8.79 -3.88 -2.16
CA ALA A 240 7.73 -4.63 -1.43
C ALA A 240 7.03 -5.78 -2.13
N SER A 241 7.40 -6.10 -3.37
CA SER A 241 6.83 -7.21 -4.10
C SER A 241 5.35 -7.07 -4.18
N ALA A 242 4.85 -5.83 -4.32
CA ALA A 242 3.43 -5.61 -4.11
C ALA A 242 2.71 -5.21 -5.39
N THR A 243 3.44 -5.10 -6.49
CA THR A 243 2.83 -4.63 -7.73
C THR A 243 2.27 -5.84 -8.42
N LYS A 244 1.14 -5.63 -9.10
CA LYS A 244 0.55 -6.64 -9.97
C LYS A 244 0.17 -5.99 -11.31
N PRO A 245 0.24 -6.77 -12.40
CA PRO A 245 -0.14 -6.27 -13.72
C PRO A 245 -1.52 -5.63 -13.77
N GLU A 246 -2.47 -6.20 -13.05
CA GLU A 246 -3.87 -5.76 -13.09
C GLU A 246 -4.05 -4.39 -12.43
N LEU A 247 -3.04 -3.98 -11.67
CA LEU A 247 -3.07 -2.77 -10.83
C LEU A 247 -2.38 -1.57 -11.47
N ILE A 248 -2.02 -1.71 -12.75
CA ILE A 248 -1.24 -0.66 -13.38
C ILE A 248 -2.13 0.22 -14.26
N LEU A 249 -2.13 1.50 -13.97
CA LEU A 249 -2.97 2.48 -14.65
C LEU A 249 -2.23 3.04 -15.84
N ASP A 250 -2.99 3.34 -16.90
CA ASP A 250 -2.43 4.03 -18.07
C ASP A 250 -3.16 5.37 -18.26
N PRO A 251 -2.79 6.40 -17.48
CA PRO A 251 -3.60 7.58 -17.62
C PRO A 251 -3.44 8.27 -19.02
N LYS A 252 -4.52 8.84 -19.55
CA LYS A 252 -4.43 9.58 -20.81
C LYS A 252 -4.50 11.06 -20.54
N THR A 253 -3.68 11.83 -21.24
CA THR A 253 -3.69 13.28 -20.99
C THR A 253 -4.74 14.06 -21.83
N GLY A 254 -5.47 14.96 -21.16
CA GLY A 254 -6.52 15.81 -21.81
C GLY A 254 -6.00 17.16 -22.29
N ASP A 255 -6.80 17.93 -23.05
CA ASP A 255 -6.28 19.20 -23.61
C ASP A 255 -6.09 20.28 -22.56
N ASP A 256 -6.68 20.07 -21.39
CA ASP A 256 -6.37 20.89 -20.24
C ASP A 256 -5.02 20.43 -19.69
N GLY A 257 -4.39 19.49 -20.41
CA GLY A 257 -3.12 18.91 -19.95
C GLY A 257 -3.21 18.08 -18.66
N LYS A 258 -4.43 17.75 -18.23
CA LYS A 258 -4.67 16.87 -17.06
C LYS A 258 -4.59 15.40 -17.43
N ASN A 259 -4.15 14.55 -16.50
CA ASN A 259 -4.12 13.11 -16.79
C ASN A 259 -5.41 12.44 -16.32
N TYR A 260 -6.03 11.62 -17.18
CA TYR A 260 -7.34 11.00 -16.86
C TYR A 260 -7.21 9.51 -16.83
N VAL A 261 -7.74 8.91 -15.78
CA VAL A 261 -7.79 7.45 -15.74
C VAL A 261 -9.12 7.02 -15.17
N THR A 262 -9.68 5.97 -15.75
CA THR A 262 -10.84 5.40 -15.07
C THR A 262 -10.58 3.99 -14.63
N TYR A 263 -11.04 3.67 -13.42
CA TYR A 263 -10.76 2.38 -12.80
C TYR A 263 -11.91 1.99 -11.89
N ASN A 264 -12.44 0.81 -12.12
CA ASN A 264 -13.61 0.35 -11.43
C ASN A 264 -13.21 -0.67 -10.32
N PHE A 265 -13.93 -0.64 -9.23
CA PHE A 265 -13.74 -1.61 -8.16
C PHE A 265 -14.89 -2.59 -8.11
N VAL A 266 -14.55 -3.86 -7.94
CA VAL A 266 -15.50 -4.93 -7.84
C VAL A 266 -15.33 -5.59 -6.47
N LEU A 267 -16.34 -5.47 -5.61
CA LEU A 267 -16.28 -5.97 -4.24
C LEU A 267 -16.99 -7.30 -4.03
N ASP A 268 -16.42 -8.16 -3.21
CA ASP A 268 -17.07 -9.44 -2.78
C ASP A 268 -18.11 -9.24 -1.69
N PRO A 269 -19.02 -10.23 -1.48
CA PRO A 269 -19.99 -10.07 -0.39
C PRO A 269 -19.33 -10.40 0.95
N ALA A 270 -19.79 -9.77 2.02
CA ALA A 270 -19.21 -9.92 3.37
C ALA A 270 -19.36 -11.32 4.00
FE FE B . 2.65 3.87 0.16
C1 35C C . 4.92 2.79 1.72
C1 35C C . 5.09 3.02 1.19
C2 35C C . 4.35 1.61 1.30
C2 35C C . 4.33 1.90 1.32
C3 35C C . 4.94 0.38 1.58
C3 35C C . 4.88 0.70 1.62
C4 35C C . 6.14 0.35 2.27
C4 35C C . 6.24 0.58 1.81
C5 35C C . 6.70 1.54 2.67
C5 35C C . 7.01 1.71 1.68
C6 35C C . 6.12 2.77 2.41
C6 35C C . 6.47 2.95 1.37
O7 35C C . 4.32 3.98 1.45
O7 35C C . 4.43 4.14 0.88
O8 35C C . 3.18 1.64 0.60
O8 35C C . 3.00 2.00 1.11
CL9 35C C . 4.21 -1.16 1.03
CL9 35C C . 3.75 -0.66 1.71
CL10 35C C . 8.24 1.50 3.56
CL10 35C C . 8.77 1.56 1.90
C24 6PL D . 6.44 -16.97 8.78
C23 6PL D . 6.47 -16.43 10.18
C22 6PL D . 5.35 -15.41 10.35
C21 6PL D . 4.09 -16.09 10.84
C20 6PL D . 3.53 -15.35 12.03
C19 6PL D . 2.13 -15.84 12.32
C18 6PL D . 1.96 -16.05 13.79
C17 6PL D . 0.80 -15.25 14.31
C16 6PL D . -0.19 -16.18 14.94
C15 6PL D . -0.12 -16.06 16.45
C14 6PL D . -1.50 -15.82 16.98
C13 6PL D . -1.57 -16.17 18.44
C12 6PL D . -2.25 -15.00 19.12
C11 6PL D . -3.08 -15.44 20.30
O11 6PL D . -3.10 -16.62 20.61
O3 6PL D . -3.86 -14.46 21.06
C3 6PL D . -3.58 -13.11 20.63
C2 6PL D . -2.63 -12.40 21.60
C1 6PL D . -2.94 -10.91 21.70
O3P 6PL D . -4.01 -10.66 22.61
P 6PL D . -3.52 -10.89 24.14
O2 6PL D . -1.28 -12.56 21.16
C31 6PL D . -0.33 -12.62 22.26
O31 6PL D . -0.27 -11.68 23.01
C32 6PL D . 0.52 -13.83 22.49
C33 6PL D . 0.88 -14.52 21.18
C34 6PL D . 2.19 -13.99 20.60
C35 6PL D . 2.88 -15.08 19.84
C36 6PL D . 3.11 -14.67 18.40
C37 6PL D . 4.53 -15.03 17.97
C38 6PL D . 4.58 -15.50 16.54
C39 6PL D . 5.98 -16.03 16.21
C40 6PL D . 5.98 -16.78 14.88
C41 6PL D . 7.33 -17.37 14.50
C42 6PL D . 8.49 -16.63 15.15
C43 6PL D . 9.51 -16.15 14.12
C44 6PL D . 10.44 -15.15 14.80
C45 6PL D . 11.42 -14.50 13.83
C46 6PL D . 12.46 -13.69 14.61
C47 6PL D . 13.63 -13.31 13.72
C48 6PL D . 14.76 -13.98 14.45
#